data_1ISR
#
_entry.id   1ISR
#
_cell.length_a   145.348
_cell.length_b   145.348
_cell.length_c   76.754
_cell.angle_alpha   90.00
_cell.angle_beta   90.00
_cell.angle_gamma   120.00
#
_symmetry.space_group_name_H-M   'P 32 2 1'
#
loop_
_entity.id
_entity.type
_entity.pdbx_description
1 polymer 'Metabotropic Glutamate Receptor subtype 1'
2 non-polymer 'GLUTAMIC ACID'
3 non-polymer 'GADOLINIUM ATOM'
#
_entity_poly.entity_id   1
_entity_poly.type   'polypeptide(L)'
_entity_poly.pdbx_seq_one_letter_code
;SSQRSVARMDGDVIIGALFSVHHQPPAEKVPERKCGEIREQYGIQRVEAMFHTLDKINADPVLLPNITLGSEIRDSCWHS
SVALEQSIEFIRDSLISIRDEKDGLNRCLPDGQTLPPGRTKKPIAGVIGPGSSSVAIQVQNLLQLFDIPQIAYSATSIDL
SDKTLYKYFLRVVPSDTLQARAMLDIVKRYNWTYVSAVHTEGNYGESGMDAFKELAAQEGLCIAHSDKIYSNAGEKSFDR
LLRKLRERLPKARVVVCFCEGMTVRGLLSAMRRLGVVGEFSLIGSDGWADRDEVIEGYEVEANGGITIKLQSPEVRSFDD
YFLKLRLDTNTRNPWFPEFWQHRFQCRLPGHLLENPNFKKVCTGNESLEENYVQDSKMGFVINAIYAMAHGLQNMHHALC
PGHVGLCDAMKPIDGRKLLDFLIKSSFVGVSGEEVWFDEKGDAPGRYDIMNLQYTEANRYDYVHVGTWHEGVLNIDDYKI
QMNKSGMVRS
;
_entity_poly.pdbx_strand_id   A
#
loop_
_chem_comp.id
_chem_comp.type
_chem_comp.name
_chem_comp.formula
GD non-polymer 'GADOLINIUM ATOM' Gd
#
# COMPACT_ATOMS: atom_id res chain seq x y z
N ARG A 4 -2.65 -14.62 16.04
CA ARG A 4 -1.32 -15.11 16.48
C ARG A 4 -0.21 -14.27 15.88
N SER A 5 0.85 -14.12 16.69
CA SER A 5 2.03 -13.33 16.38
C SER A 5 1.61 -11.88 16.27
N VAL A 6 1.78 -11.15 17.38
CA VAL A 6 1.40 -9.75 17.44
C VAL A 6 2.57 -8.88 17.92
N ALA A 7 2.76 -7.76 17.24
CA ALA A 7 3.81 -6.82 17.58
C ALA A 7 3.22 -5.77 18.52
N ARG A 8 3.73 -5.71 19.74
CA ARG A 8 3.22 -4.75 20.72
C ARG A 8 4.24 -3.75 21.25
N MET A 9 3.70 -2.65 21.78
CA MET A 9 4.47 -1.57 22.38
C MET A 9 3.47 -0.90 23.33
N ASP A 10 3.78 -0.89 24.62
CA ASP A 10 2.88 -0.31 25.60
C ASP A 10 3.07 1.20 25.77
N GLY A 11 2.01 1.86 26.21
CA GLY A 11 2.05 3.30 26.42
C GLY A 11 0.76 3.79 27.04
N ASP A 12 0.40 5.04 26.79
CA ASP A 12 -0.82 5.62 27.34
C ASP A 12 -1.96 5.56 26.33
N VAL A 13 -1.65 5.80 25.07
CA VAL A 13 -2.65 5.76 24.00
C VAL A 13 -2.18 4.76 22.93
N ILE A 14 -2.88 3.64 22.83
CA ILE A 14 -2.53 2.60 21.87
C ILE A 14 -3.14 2.80 20.49
N ILE A 15 -2.31 2.68 19.46
CA ILE A 15 -2.75 2.83 18.08
C ILE A 15 -2.54 1.52 17.33
N GLY A 16 -3.64 0.86 16.98
CA GLY A 16 -3.55 -0.40 16.26
C GLY A 16 -3.21 -0.17 14.80
N ALA A 17 -2.74 -1.20 14.12
CA ALA A 17 -2.37 -1.08 12.72
C ALA A 17 -2.31 -2.44 12.03
N LEU A 18 -2.74 -2.48 10.77
CA LEU A 18 -2.74 -3.71 9.99
C LEU A 18 -1.80 -3.59 8.80
N PHE A 19 -0.83 -4.50 8.71
CA PHE A 19 0.13 -4.49 7.62
C PHE A 19 0.25 -5.89 7.02
N SER A 20 0.37 -5.97 5.70
CA SER A 20 0.50 -7.25 5.02
C SER A 20 1.89 -7.82 5.24
N VAL A 21 2.07 -8.51 6.36
CA VAL A 21 3.35 -9.12 6.70
C VAL A 21 3.64 -10.31 5.77
N HIS A 22 2.59 -11.02 5.38
CA HIS A 22 2.71 -12.17 4.48
C HIS A 22 1.79 -11.96 3.29
N HIS A 23 1.94 -12.81 2.27
CA HIS A 23 1.09 -12.72 1.09
C HIS A 23 -0.25 -13.33 1.47
N GLN A 24 -1.21 -13.29 0.55
CA GLN A 24 -2.53 -13.85 0.82
C GLN A 24 -2.51 -15.36 0.69
N PRO A 25 -3.38 -16.06 1.44
CA PRO A 25 -3.47 -17.52 1.40
C PRO A 25 -3.87 -18.04 0.03
N PRO A 26 -3.27 -19.17 -0.40
CA PRO A 26 -3.64 -19.71 -1.72
C PRO A 26 -5.14 -19.97 -1.72
N ALA A 27 -5.73 -20.07 -2.92
CA ALA A 27 -7.16 -20.30 -3.06
C ALA A 27 -7.69 -21.45 -2.22
N GLU A 28 -6.91 -22.52 -2.10
CA GLU A 28 -7.31 -23.70 -1.35
C GLU A 28 -7.10 -23.60 0.16
N LYS A 29 -6.38 -22.59 0.60
CA LYS A 29 -6.10 -22.41 2.03
C LYS A 29 -6.89 -21.29 2.70
N VAL A 30 -7.70 -20.58 1.92
CA VAL A 30 -8.50 -19.49 2.46
C VAL A 30 -9.37 -19.89 3.66
N PRO A 31 -10.08 -21.03 3.55
CA PRO A 31 -10.94 -21.50 4.64
C PRO A 31 -10.24 -21.66 5.99
N GLU A 32 -9.03 -22.21 5.98
CA GLU A 32 -8.28 -22.42 7.21
C GLU A 32 -7.41 -21.21 7.55
N ARG A 33 -7.40 -20.23 6.65
CA ARG A 33 -6.64 -19.00 6.82
C ARG A 33 -5.16 -19.18 7.12
N LYS A 34 -4.43 -19.79 6.19
CA LYS A 34 -3.00 -20.00 6.31
C LYS A 34 -2.32 -19.08 5.30
N CYS A 35 -1.65 -18.04 5.80
CA CYS A 35 -0.99 -17.07 4.93
C CYS A 35 0.25 -17.56 4.19
N GLY A 36 0.61 -16.84 3.13
CA GLY A 36 1.75 -17.20 2.31
C GLY A 36 3.10 -16.91 2.98
N GLU A 37 4.06 -16.47 2.18
CA GLU A 37 5.40 -16.18 2.70
C GLU A 37 5.60 -14.74 3.17
N ILE A 38 6.68 -14.54 3.93
CA ILE A 38 7.04 -13.24 4.50
C ILE A 38 7.27 -12.18 3.42
N ARG A 39 6.90 -10.94 3.74
CA ARG A 39 7.08 -9.83 2.81
C ARG A 39 7.96 -8.76 3.44
N GLU A 40 8.67 -8.00 2.62
CA GLU A 40 9.55 -6.94 3.12
C GLU A 40 8.99 -5.54 2.91
N GLN A 41 8.83 -5.15 1.64
CA GLN A 41 8.31 -3.82 1.32
C GLN A 41 6.96 -3.53 1.99
N TYR A 42 6.00 -4.42 1.77
CA TYR A 42 4.65 -4.26 2.33
C TYR A 42 4.46 -4.91 3.70
N GLY A 43 5.52 -5.48 4.25
CA GLY A 43 5.41 -6.12 5.54
C GLY A 43 6.34 -5.62 6.64
N ILE A 44 7.53 -6.19 6.69
CA ILE A 44 8.53 -5.82 7.69
C ILE A 44 8.87 -4.34 7.73
N GLN A 45 9.07 -3.74 6.55
CA GLN A 45 9.42 -2.32 6.48
C GLN A 45 8.36 -1.42 7.10
N ARG A 46 7.09 -1.82 6.98
CA ARG A 46 6.01 -1.02 7.53
C ARG A 46 5.88 -1.20 9.04
N VAL A 47 6.15 -2.42 9.52
CA VAL A 47 6.08 -2.69 10.95
C VAL A 47 7.21 -1.93 11.63
N GLU A 48 8.35 -1.85 10.95
CA GLU A 48 9.51 -1.14 11.48
C GLU A 48 9.28 0.37 11.43
N ALA A 49 8.68 0.83 10.34
CA ALA A 49 8.40 2.25 10.17
C ALA A 49 7.35 2.70 11.18
N MET A 50 6.65 1.73 11.77
CA MET A 50 5.62 2.00 12.76
C MET A 50 6.30 2.34 14.09
N PHE A 51 7.19 1.44 14.53
CA PHE A 51 7.92 1.64 15.78
C PHE A 51 8.80 2.88 15.68
N HIS A 52 9.55 2.98 14.58
CA HIS A 52 10.44 4.10 14.35
C HIS A 52 9.76 5.44 14.52
N THR A 53 8.61 5.62 13.88
CA THR A 53 7.87 6.86 13.96
C THR A 53 7.40 7.14 15.38
N LEU A 54 6.94 6.10 16.07
CA LEU A 54 6.48 6.25 17.45
C LEU A 54 7.61 6.68 18.37
N ASP A 55 8.79 6.12 18.17
CA ASP A 55 9.93 6.49 19.00
C ASP A 55 10.19 7.99 18.85
N LYS A 56 10.08 8.48 17.62
CA LYS A 56 10.28 9.88 17.32
C LYS A 56 9.23 10.76 17.99
N ILE A 57 7.97 10.35 17.87
CA ILE A 57 6.87 11.11 18.46
C ILE A 57 6.94 11.10 19.99
N ASN A 58 7.39 9.97 20.56
CA ASN A 58 7.50 9.86 22.01
C ASN A 58 8.78 10.52 22.50
N ALA A 59 9.60 11.00 21.58
CA ALA A 59 10.86 11.66 21.94
C ALA A 59 10.74 13.14 21.63
N ASP A 60 9.65 13.52 20.96
CA ASP A 60 9.41 14.91 20.60
C ASP A 60 8.75 15.64 21.77
N PRO A 61 9.25 16.85 22.11
CA PRO A 61 8.72 17.65 23.21
C PRO A 61 7.44 18.42 22.86
N VAL A 62 7.30 18.80 21.60
CA VAL A 62 6.13 19.56 21.16
C VAL A 62 4.91 18.68 20.89
N LEU A 63 5.07 17.68 20.02
CA LEU A 63 3.97 16.79 19.68
C LEU A 63 3.65 15.84 20.82
N LEU A 64 2.49 16.02 21.44
CA LEU A 64 2.07 15.18 22.56
C LEU A 64 3.13 15.23 23.66
N PRO A 65 3.20 16.36 24.39
CA PRO A 65 4.15 16.58 25.48
C PRO A 65 4.47 15.37 26.35
N ASN A 66 3.63 15.12 27.35
CA ASN A 66 3.85 13.99 28.25
C ASN A 66 2.86 12.86 28.02
N ILE A 67 2.69 12.47 26.76
CA ILE A 67 1.79 11.39 26.39
C ILE A 67 2.53 10.43 25.47
N THR A 68 2.64 9.18 25.89
CA THR A 68 3.35 8.17 25.11
C THR A 68 2.39 7.29 24.31
N LEU A 69 2.64 7.20 23.01
CA LEU A 69 1.81 6.41 22.11
C LEU A 69 2.33 4.97 22.01
N GLY A 70 1.41 4.01 22.18
CA GLY A 70 1.78 2.62 22.09
C GLY A 70 1.26 2.06 20.78
N SER A 71 1.34 0.75 20.59
CA SER A 71 0.87 0.16 19.34
C SER A 71 0.67 -1.35 19.40
N GLU A 72 -0.38 -1.80 18.72
CA GLU A 72 -0.72 -3.20 18.63
C GLU A 72 -0.85 -3.51 17.14
N ILE A 73 0.23 -4.02 16.56
CA ILE A 73 0.27 -4.33 15.14
C ILE A 73 -0.16 -5.76 14.85
N ARG A 74 -0.98 -5.92 13.82
CA ARG A 74 -1.48 -7.25 13.44
C ARG A 74 -1.36 -7.51 11.94
N ASP A 75 -1.10 -8.76 11.60
CA ASP A 75 -0.94 -9.18 10.21
C ASP A 75 -2.30 -9.27 9.51
N SER A 76 -2.36 -8.78 8.27
CA SER A 76 -3.60 -8.81 7.49
C SER A 76 -3.49 -9.84 6.38
N CYS A 77 -2.27 -10.15 5.99
CA CYS A 77 -2.03 -11.12 4.91
C CYS A 77 -2.71 -10.67 3.63
N TRP A 78 -3.09 -9.39 3.59
CA TRP A 78 -3.75 -8.82 2.43
C TRP A 78 -4.94 -9.69 2.04
N HIS A 79 -5.87 -9.86 2.97
CA HIS A 79 -7.06 -10.67 2.73
C HIS A 79 -8.16 -10.31 3.72
N SER A 80 -9.35 -10.01 3.20
CA SER A 80 -10.49 -9.62 4.01
C SER A 80 -10.86 -10.59 5.14
N SER A 81 -10.55 -11.87 4.95
CA SER A 81 -10.87 -12.88 5.95
C SER A 81 -9.93 -12.82 7.16
N VAL A 82 -8.64 -12.86 6.91
CA VAL A 82 -7.65 -12.79 7.99
C VAL A 82 -7.68 -11.41 8.63
N ALA A 83 -7.83 -10.39 7.81
CA ALA A 83 -7.87 -9.01 8.30
C ALA A 83 -9.09 -8.82 9.22
N LEU A 84 -10.15 -9.58 8.95
CA LEU A 84 -11.36 -9.49 9.76
C LEU A 84 -11.18 -10.29 11.05
N GLU A 85 -10.38 -11.35 10.96
CA GLU A 85 -10.11 -12.20 12.11
C GLU A 85 -9.32 -11.41 13.15
N GLN A 86 -8.42 -10.57 12.67
CA GLN A 86 -7.57 -9.76 13.54
C GLN A 86 -8.30 -8.54 14.10
N SER A 87 -9.24 -7.99 13.32
CA SER A 87 -10.01 -6.83 13.76
C SER A 87 -10.83 -7.24 14.98
N ILE A 88 -11.30 -8.48 14.98
CA ILE A 88 -12.09 -8.99 16.09
C ILE A 88 -11.26 -8.90 17.37
N GLU A 89 -9.97 -9.13 17.24
CA GLU A 89 -9.06 -9.06 18.39
C GLU A 89 -8.97 -7.64 18.92
N PHE A 90 -9.02 -6.66 18.01
CA PHE A 90 -8.95 -5.25 18.41
C PHE A 90 -10.15 -4.88 19.28
N ILE A 91 -11.27 -5.55 19.07
CA ILE A 91 -12.48 -5.24 19.82
C ILE A 91 -12.98 -6.33 20.77
N ARG A 92 -12.09 -7.21 21.21
CA ARG A 92 -12.50 -8.27 22.12
C ARG A 92 -12.68 -7.74 23.53
N LYS A 122 -5.59 -2.16 27.61
CA LYS A 122 -5.99 -0.84 27.15
C LYS A 122 -6.69 -0.93 25.79
N PRO A 123 -7.73 -0.11 25.59
CA PRO A 123 -8.49 -0.10 24.33
C PRO A 123 -7.72 0.59 23.21
N ILE A 124 -8.14 0.34 21.97
CA ILE A 124 -7.49 0.94 20.81
C ILE A 124 -8.08 2.32 20.53
N ALA A 125 -7.23 3.26 20.12
CA ALA A 125 -7.65 4.62 19.82
C ALA A 125 -8.08 4.75 18.36
N GLY A 126 -7.42 3.99 17.50
CA GLY A 126 -7.73 4.01 16.08
C GLY A 126 -6.91 2.98 15.33
N VAL A 127 -7.17 2.81 14.04
CA VAL A 127 -6.44 1.83 13.25
C VAL A 127 -5.81 2.42 11.99
N ILE A 128 -4.58 2.01 11.72
CA ILE A 128 -3.84 2.46 10.55
C ILE A 128 -3.87 1.34 9.51
N GLY A 129 -4.48 1.61 8.36
CA GLY A 129 -4.56 0.60 7.32
C GLY A 129 -5.96 0.02 7.23
N PRO A 130 -6.13 -1.15 6.60
CA PRO A 130 -5.10 -1.97 5.94
C PRO A 130 -4.65 -1.42 4.59
N GLY A 131 -4.10 -2.31 3.76
CA GLY A 131 -3.62 -1.89 2.46
C GLY A 131 -4.63 -1.83 1.32
N SER A 132 -5.21 -2.98 0.96
CA SER A 132 -6.19 -3.02 -0.13
C SER A 132 -7.48 -2.28 0.21
N SER A 133 -8.24 -1.94 -0.82
CA SER A 133 -9.51 -1.23 -0.63
C SER A 133 -10.60 -2.20 -0.18
N SER A 134 -10.68 -3.35 -0.83
CA SER A 134 -11.67 -4.36 -0.48
C SER A 134 -11.47 -4.79 0.97
N VAL A 135 -10.22 -4.86 1.38
CA VAL A 135 -9.88 -5.25 2.74
C VAL A 135 -10.18 -4.10 3.71
N ALA A 136 -10.04 -2.88 3.23
CA ALA A 136 -10.29 -1.70 4.05
C ALA A 136 -11.78 -1.57 4.34
N ILE A 137 -12.60 -1.83 3.32
CA ILE A 137 -14.05 -1.76 3.47
C ILE A 137 -14.52 -2.77 4.51
N GLN A 138 -13.94 -3.97 4.48
CA GLN A 138 -14.30 -5.01 5.43
C GLN A 138 -14.01 -4.54 6.85
N VAL A 139 -12.76 -4.19 7.12
CA VAL A 139 -12.36 -3.72 8.43
C VAL A 139 -13.17 -2.51 8.87
N GLN A 140 -13.52 -1.65 7.92
CA GLN A 140 -14.31 -0.46 8.21
C GLN A 140 -15.74 -0.80 8.61
N ASN A 141 -16.31 -1.82 7.95
CA ASN A 141 -17.67 -2.25 8.24
C ASN A 141 -17.82 -2.76 9.66
N LEU A 142 -16.70 -3.02 10.32
CA LEU A 142 -16.71 -3.51 11.69
C LEU A 142 -16.36 -2.41 12.69
N LEU A 143 -15.22 -1.77 12.47
CA LEU A 143 -14.75 -0.70 13.34
C LEU A 143 -15.76 0.42 13.56
N GLN A 144 -16.52 0.75 12.54
CA GLN A 144 -17.50 1.83 12.63
C GLN A 144 -18.60 1.50 13.63
N LEU A 145 -18.73 0.22 13.98
CA LEU A 145 -19.74 -0.22 14.93
C LEU A 145 -19.30 0.03 16.37
N PHE A 146 -18.01 0.30 16.55
CA PHE A 146 -17.47 0.57 17.88
C PHE A 146 -16.86 1.95 17.95
N ASP A 147 -17.17 2.78 16.95
CA ASP A 147 -16.66 4.15 16.87
C ASP A 147 -15.15 4.24 16.96
N ILE A 148 -14.45 3.71 15.96
CA ILE A 148 -13.00 3.76 15.94
C ILE A 148 -12.49 4.31 14.61
N PRO A 149 -11.95 5.54 14.62
CA PRO A 149 -11.44 6.15 13.39
C PRO A 149 -10.37 5.30 12.71
N GLN A 150 -10.48 5.20 11.39
CA GLN A 150 -9.54 4.41 10.59
C GLN A 150 -8.87 5.26 9.52
N ILE A 151 -7.54 5.22 9.48
CA ILE A 151 -6.78 6.00 8.51
C ILE A 151 -5.93 5.08 7.64
N ALA A 152 -6.10 5.19 6.32
CA ALA A 152 -5.36 4.37 5.39
C ALA A 152 -4.20 5.13 4.75
N TYR A 153 -3.32 4.39 4.07
CA TYR A 153 -2.16 4.97 3.42
C TYR A 153 -2.05 4.51 1.96
N SER A 154 -2.81 3.48 1.60
CA SER A 154 -2.77 2.97 0.25
C SER A 154 -4.15 2.70 -0.36
N ALA A 155 -5.19 2.71 0.47
CA ALA A 155 -6.55 2.47 -0.01
C ALA A 155 -6.99 3.71 -0.78
N THR A 156 -7.20 3.56 -2.10
CA THR A 156 -7.57 4.69 -2.94
C THR A 156 -8.91 4.59 -3.68
N SER A 157 -9.74 3.62 -3.30
CA SER A 157 -11.03 3.47 -3.97
C SER A 157 -11.98 4.64 -3.76
N ILE A 158 -12.69 5.01 -4.83
CA ILE A 158 -13.65 6.11 -4.79
C ILE A 158 -14.81 5.80 -3.84
N ASP A 159 -15.17 4.53 -3.75
CA ASP A 159 -16.28 4.10 -2.88
C ASP A 159 -16.11 4.51 -1.43
N LEU A 160 -14.87 4.59 -0.97
CA LEU A 160 -14.59 4.96 0.42
C LEU A 160 -14.82 6.45 0.71
N SER A 161 -15.08 7.22 -0.34
CA SER A 161 -15.33 8.65 -0.19
C SER A 161 -16.73 8.89 0.34
N ASP A 162 -17.57 7.87 0.25
CA ASP A 162 -18.96 7.96 0.73
C ASP A 162 -18.94 7.91 2.25
N LYS A 163 -19.30 9.02 2.88
CA LYS A 163 -19.30 9.12 4.34
C LYS A 163 -20.58 8.65 5.02
N THR A 164 -21.58 8.22 4.24
CA THR A 164 -22.82 7.74 4.83
C THR A 164 -22.66 6.26 5.16
N LEU A 165 -21.70 5.62 4.49
CA LEU A 165 -21.44 4.20 4.70
C LEU A 165 -20.15 3.99 5.51
N TYR A 166 -19.18 4.86 5.30
CA TYR A 166 -17.89 4.75 6.00
C TYR A 166 -17.56 6.05 6.72
N LYS A 167 -18.40 6.41 7.69
CA LYS A 167 -18.23 7.64 8.46
C LYS A 167 -16.89 7.74 9.20
N TYR A 168 -16.36 6.61 9.66
CA TYR A 168 -15.10 6.61 10.39
C TYR A 168 -13.87 6.29 9.55
N PHE A 169 -13.87 6.71 8.29
CA PHE A 169 -12.73 6.45 7.42
C PHE A 169 -12.15 7.73 6.83
N LEU A 170 -10.83 7.78 6.76
CA LEU A 170 -10.11 8.91 6.19
C LEU A 170 -8.76 8.39 5.72
N ARG A 171 -8.11 9.13 4.82
CA ARG A 171 -6.83 8.70 4.30
C ARG A 171 -5.93 9.86 3.88
N VAL A 172 -4.63 9.60 3.87
CA VAL A 172 -3.64 10.60 3.48
C VAL A 172 -3.33 10.52 2.00
N VAL A 173 -4.24 9.89 1.24
CA VAL A 173 -4.07 9.74 -0.21
C VAL A 173 -5.39 10.05 -0.91
N PRO A 174 -5.33 10.61 -2.12
CA PRO A 174 -6.52 10.95 -2.90
C PRO A 174 -7.17 9.74 -3.57
N SER A 175 -8.49 9.80 -3.75
CA SER A 175 -9.22 8.70 -4.39
C SER A 175 -8.81 8.60 -5.85
N ASP A 176 -9.21 7.52 -6.53
CA ASP A 176 -8.84 7.32 -7.94
C ASP A 176 -9.65 8.07 -8.99
N THR A 177 -10.42 9.07 -8.58
CA THR A 177 -11.20 9.83 -9.55
C THR A 177 -10.18 10.61 -10.38
N LEU A 178 -9.05 10.90 -9.76
CA LEU A 178 -7.97 11.63 -10.39
C LEU A 178 -7.04 10.73 -11.20
N GLN A 179 -6.77 9.53 -10.70
CA GLN A 179 -5.89 8.61 -11.41
C GLN A 179 -6.51 8.12 -12.71
N ALA A 180 -7.80 7.81 -12.68
CA ALA A 180 -8.49 7.34 -13.87
C ALA A 180 -8.43 8.45 -14.93
N ARG A 181 -8.58 9.69 -14.47
CA ARG A 181 -8.54 10.85 -15.34
C ARG A 181 -7.14 11.00 -15.92
N ALA A 182 -6.14 10.69 -15.10
CA ALA A 182 -4.75 10.77 -15.52
C ALA A 182 -4.44 9.73 -16.58
N MET A 183 -4.87 8.49 -16.34
CA MET A 183 -4.63 7.40 -17.28
C MET A 183 -5.26 7.66 -18.64
N LEU A 184 -6.42 8.33 -18.65
CA LEU A 184 -7.08 8.62 -19.91
C LEU A 184 -6.33 9.70 -20.67
N ASP A 185 -5.75 10.66 -19.93
CA ASP A 185 -5.00 11.73 -20.57
C ASP A 185 -3.73 11.19 -21.20
N ILE A 186 -3.29 10.02 -20.74
CA ILE A 186 -2.09 9.40 -21.28
C ILE A 186 -2.43 8.69 -22.59
N VAL A 187 -3.63 8.13 -22.66
CA VAL A 187 -4.09 7.42 -23.85
C VAL A 187 -4.37 8.42 -24.97
N LYS A 188 -4.91 9.58 -24.59
CA LYS A 188 -5.23 10.62 -25.56
C LYS A 188 -3.95 11.31 -26.01
N ARG A 189 -2.92 11.20 -25.17
CA ARG A 189 -1.61 11.80 -25.45
C ARG A 189 -0.95 11.20 -26.69
N TYR A 190 -0.99 9.88 -26.79
CA TYR A 190 -0.37 9.20 -27.93
C TYR A 190 -1.37 8.75 -28.99
N ASN A 191 -2.54 9.35 -28.95
CA ASN A 191 -3.62 9.08 -29.90
C ASN A 191 -4.08 7.63 -30.04
N TRP A 192 -4.06 6.87 -28.95
CA TRP A 192 -4.51 5.49 -29.01
C TRP A 192 -6.03 5.49 -28.89
N THR A 193 -6.71 5.01 -29.93
CA THR A 193 -8.17 4.99 -29.93
C THR A 193 -8.75 3.60 -29.68
N TYR A 194 -7.90 2.59 -29.75
CA TYR A 194 -8.34 1.21 -29.56
C TYR A 194 -7.48 0.55 -28.49
N VAL A 195 -8.01 0.41 -27.28
CA VAL A 195 -7.26 -0.20 -26.19
C VAL A 195 -8.03 -1.29 -25.46
N SER A 196 -7.29 -2.20 -24.82
CA SER A 196 -7.89 -3.28 -24.06
C SER A 196 -7.89 -2.86 -22.60
N ALA A 197 -8.76 -3.47 -21.79
CA ALA A 197 -8.85 -3.11 -20.39
C ALA A 197 -8.93 -4.32 -19.46
N VAL A 198 -8.00 -4.40 -18.52
CA VAL A 198 -7.95 -5.49 -17.56
C VAL A 198 -7.79 -4.92 -16.16
N HIS A 199 -8.53 -5.46 -15.20
CA HIS A 199 -8.43 -5.01 -13.82
C HIS A 199 -8.48 -6.19 -12.86
N THR A 200 -7.95 -5.99 -11.66
CA THR A 200 -7.94 -7.03 -10.64
C THR A 200 -9.30 -7.17 -9.98
N GLU A 201 -9.72 -8.41 -9.75
CA GLU A 201 -10.99 -8.67 -9.09
C GLU A 201 -10.92 -8.06 -7.70
N GLY A 202 -11.91 -7.24 -7.37
CA GLY A 202 -11.92 -6.59 -6.07
C GLY A 202 -12.44 -5.18 -6.22
N ASN A 203 -12.83 -4.58 -5.11
CA ASN A 203 -13.37 -3.23 -5.12
C ASN A 203 -12.41 -2.17 -5.69
N TYR A 204 -11.11 -2.46 -5.67
CA TYR A 204 -10.12 -1.52 -6.19
C TYR A 204 -10.10 -1.45 -7.71
N GLY A 205 -9.72 -2.56 -8.34
CA GLY A 205 -9.66 -2.60 -9.80
C GLY A 205 -10.98 -2.34 -10.49
N GLU A 206 -12.08 -2.70 -9.84
CA GLU A 206 -13.41 -2.52 -10.41
C GLU A 206 -13.88 -1.07 -10.33
N SER A 207 -13.87 -0.50 -9.12
CA SER A 207 -14.30 0.87 -8.93
C SER A 207 -13.45 1.83 -9.75
N GLY A 208 -12.22 1.41 -10.04
CA GLY A 208 -11.33 2.25 -10.82
C GLY A 208 -11.56 2.12 -12.32
N MET A 209 -11.83 0.90 -12.77
CA MET A 209 -12.07 0.65 -14.18
C MET A 209 -13.41 1.24 -14.64
N ASP A 210 -14.40 1.21 -13.76
CA ASP A 210 -15.71 1.76 -14.10
C ASP A 210 -15.61 3.26 -14.32
N ALA A 211 -14.78 3.93 -13.51
CA ALA A 211 -14.58 5.36 -13.63
C ALA A 211 -13.83 5.66 -14.92
N PHE A 212 -13.00 4.71 -15.35
CA PHE A 212 -12.22 4.86 -16.57
C PHE A 212 -13.12 4.70 -17.79
N LYS A 213 -13.92 3.64 -17.79
CA LYS A 213 -14.83 3.37 -18.90
C LYS A 213 -15.91 4.44 -19.02
N GLU A 214 -16.16 5.15 -17.92
CA GLU A 214 -17.16 6.21 -17.92
C GLU A 214 -16.58 7.42 -18.65
N LEU A 215 -15.30 7.68 -18.43
CA LEU A 215 -14.62 8.80 -19.07
C LEU A 215 -14.24 8.42 -20.50
N ALA A 216 -14.12 7.12 -20.75
CA ALA A 216 -13.77 6.61 -22.06
C ALA A 216 -14.95 6.71 -23.01
N ALA A 217 -16.15 6.62 -22.45
CA ALA A 217 -17.38 6.70 -23.24
C ALA A 217 -17.65 8.13 -23.66
N GLN A 218 -17.29 9.08 -22.80
CA GLN A 218 -17.49 10.50 -23.08
C GLN A 218 -16.51 10.99 -24.14
N GLU A 219 -15.31 10.41 -24.11
CA GLU A 219 -14.24 10.78 -25.04
C GLU A 219 -14.33 10.06 -26.38
N GLY A 220 -15.25 9.11 -26.49
CA GLY A 220 -15.38 8.36 -27.73
C GLY A 220 -14.30 7.32 -27.90
N LEU A 221 -13.74 6.86 -26.79
CA LEU A 221 -12.68 5.84 -26.82
C LEU A 221 -13.32 4.47 -26.79
N CYS A 222 -12.91 3.60 -27.70
CA CYS A 222 -13.46 2.25 -27.78
C CYS A 222 -12.66 1.22 -27.00
N ILE A 223 -13.37 0.43 -26.20
CA ILE A 223 -12.76 -0.63 -25.41
C ILE A 223 -12.81 -1.91 -26.23
N ALA A 224 -11.64 -2.45 -26.58
CA ALA A 224 -11.55 -3.67 -27.36
C ALA A 224 -12.01 -4.87 -26.55
N HIS A 225 -11.08 -5.43 -25.77
CA HIS A 225 -11.36 -6.59 -24.94
C HIS A 225 -11.36 -6.18 -23.47
N SER A 226 -12.32 -6.72 -22.71
CA SER A 226 -12.43 -6.42 -21.29
C SER A 226 -12.36 -7.72 -20.49
N ASP A 227 -11.67 -7.69 -19.36
CA ASP A 227 -11.55 -8.89 -18.53
C ASP A 227 -11.19 -8.53 -17.10
N LYS A 228 -11.29 -9.52 -16.21
CA LYS A 228 -10.96 -9.34 -14.80
C LYS A 228 -10.41 -10.66 -14.26
N ILE A 229 -9.62 -10.58 -13.20
CA ILE A 229 -9.03 -11.79 -12.61
C ILE A 229 -8.46 -11.50 -11.23
N TYR A 230 -8.55 -12.50 -10.33
CA TYR A 230 -8.01 -12.34 -8.99
C TYR A 230 -6.49 -12.31 -9.08
N SER A 231 -5.83 -12.06 -7.95
CA SER A 231 -4.38 -12.00 -7.90
C SER A 231 -3.76 -13.34 -7.53
N ASN A 232 -4.57 -14.23 -6.98
CA ASN A 232 -4.08 -15.55 -6.56
C ASN A 232 -4.61 -16.68 -7.44
N ALA A 233 -5.20 -16.33 -8.58
CA ALA A 233 -5.73 -17.32 -9.50
C ALA A 233 -4.60 -18.17 -10.06
N GLY A 234 -4.93 -19.38 -10.48
CA GLY A 234 -3.91 -20.27 -11.03
C GLY A 234 -3.32 -19.75 -12.33
N GLU A 235 -2.16 -20.28 -12.70
CA GLU A 235 -1.49 -19.87 -13.93
C GLU A 235 -2.39 -20.10 -15.14
N LYS A 236 -3.22 -21.13 -15.08
CA LYS A 236 -4.13 -21.43 -16.18
C LYS A 236 -5.09 -20.27 -16.41
N SER A 237 -5.47 -19.60 -15.33
CA SER A 237 -6.38 -18.46 -15.42
C SER A 237 -5.69 -17.33 -16.18
N PHE A 238 -4.39 -17.20 -16.00
CA PHE A 238 -3.64 -16.16 -16.70
C PHE A 238 -3.31 -16.59 -18.12
N ASP A 239 -3.24 -17.90 -18.34
CA ASP A 239 -2.96 -18.41 -19.68
C ASP A 239 -4.16 -18.08 -20.56
N ARG A 240 -5.35 -18.27 -20.00
CA ARG A 240 -6.58 -17.98 -20.73
C ARG A 240 -6.76 -16.48 -20.89
N LEU A 241 -6.36 -15.74 -19.87
CA LEU A 241 -6.46 -14.28 -19.90
C LEU A 241 -5.53 -13.72 -20.97
N LEU A 242 -4.28 -14.16 -20.96
CA LEU A 242 -3.30 -13.70 -21.93
C LEU A 242 -3.71 -14.06 -23.35
N ARG A 243 -4.28 -15.24 -23.53
CA ARG A 243 -4.70 -15.70 -24.85
C ARG A 243 -5.82 -14.83 -25.41
N LYS A 244 -6.79 -14.49 -24.56
CA LYS A 244 -7.91 -13.67 -24.97
C LYS A 244 -7.48 -12.26 -25.37
N LEU A 245 -6.30 -11.85 -24.89
CA LEU A 245 -5.78 -10.53 -25.21
C LEU A 245 -5.04 -10.54 -26.54
N ARG A 246 -4.32 -11.63 -26.81
CA ARG A 246 -3.57 -11.77 -28.04
C ARG A 246 -4.47 -11.91 -29.25
N GLU A 247 -5.68 -12.44 -29.04
CA GLU A 247 -6.64 -12.64 -30.11
C GLU A 247 -7.14 -11.31 -30.69
N ARG A 248 -7.03 -10.25 -29.90
CA ARG A 248 -7.48 -8.94 -30.34
C ARG A 248 -6.39 -8.18 -31.10
N LEU A 249 -5.21 -8.77 -31.18
CA LEU A 249 -4.09 -8.16 -31.88
C LEU A 249 -4.38 -8.21 -33.38
N PRO A 250 -3.70 -7.36 -34.17
CA PRO A 250 -2.70 -6.38 -33.75
C PRO A 250 -3.30 -4.99 -33.51
N LYS A 251 -4.60 -4.86 -33.77
CA LYS A 251 -5.28 -3.58 -33.60
C LYS A 251 -5.35 -3.16 -32.13
N ALA A 252 -5.41 -4.14 -31.23
CA ALA A 252 -5.48 -3.86 -29.81
C ALA A 252 -4.16 -4.19 -29.12
N ARG A 253 -3.21 -3.27 -29.20
CA ARG A 253 -1.90 -3.44 -28.60
C ARG A 253 -1.81 -2.85 -27.19
N VAL A 254 -2.27 -1.61 -27.04
CA VAL A 254 -2.22 -0.94 -25.75
C VAL A 254 -3.16 -1.60 -24.74
N VAL A 255 -2.63 -1.89 -23.56
CA VAL A 255 -3.41 -2.53 -22.51
C VAL A 255 -3.35 -1.72 -21.21
N VAL A 256 -4.53 -1.30 -20.74
CA VAL A 256 -4.63 -0.54 -19.50
C VAL A 256 -4.95 -1.51 -18.36
N CYS A 257 -4.12 -1.51 -17.32
CA CYS A 257 -4.32 -2.41 -16.19
C CYS A 257 -4.48 -1.71 -14.86
N PHE A 258 -5.72 -1.54 -14.41
CA PHE A 258 -5.97 -0.95 -13.11
C PHE A 258 -5.82 -2.22 -12.28
N CYS A 259 -4.58 -2.66 -12.14
CA CYS A 259 -4.28 -3.91 -11.45
C CYS A 259 -3.28 -3.83 -10.31
N GLU A 260 -3.38 -4.80 -9.40
CA GLU A 260 -2.46 -4.90 -8.27
C GLU A 260 -1.14 -5.40 -8.83
N GLY A 261 -0.09 -5.34 -8.03
CA GLY A 261 1.21 -5.79 -8.49
C GLY A 261 1.23 -7.27 -8.85
N MET A 262 0.72 -8.10 -7.96
CA MET A 262 0.69 -9.54 -8.18
C MET A 262 -0.15 -9.96 -9.37
N THR A 263 -1.03 -9.08 -9.82
CA THR A 263 -1.88 -9.37 -10.97
C THR A 263 -1.05 -9.13 -12.24
N VAL A 264 -0.24 -8.07 -12.20
CA VAL A 264 0.62 -7.73 -13.32
C VAL A 264 1.75 -8.74 -13.43
N ARG A 265 2.17 -9.26 -12.28
CA ARG A 265 3.25 -10.24 -12.24
C ARG A 265 2.78 -11.55 -12.87
N GLY A 266 1.54 -11.93 -12.55
CA GLY A 266 0.99 -13.16 -13.10
C GLY A 266 0.87 -13.07 -14.61
N LEU A 267 0.52 -11.89 -15.11
CA LEU A 267 0.39 -11.68 -16.54
C LEU A 267 1.74 -11.81 -17.22
N LEU A 268 2.76 -11.21 -16.62
CA LEU A 268 4.12 -11.27 -17.17
C LEU A 268 4.62 -12.70 -17.07
N SER A 269 4.09 -13.43 -16.10
CA SER A 269 4.48 -14.82 -15.89
C SER A 269 3.90 -15.70 -16.99
N ALA A 270 2.76 -15.29 -17.52
CA ALA A 270 2.11 -16.03 -18.60
C ALA A 270 2.76 -15.68 -19.93
N MET A 271 3.28 -14.46 -20.02
CA MET A 271 3.95 -14.01 -21.23
C MET A 271 5.24 -14.81 -21.39
N ARG A 272 5.72 -15.35 -20.29
CA ARG A 272 6.95 -16.14 -20.28
C ARG A 272 6.65 -17.59 -20.68
N ARG A 273 5.66 -18.19 -20.05
CA ARG A 273 5.29 -19.57 -20.34
C ARG A 273 4.81 -19.77 -21.76
N LEU A 274 4.43 -18.68 -22.43
CA LEU A 274 3.94 -18.77 -23.81
C LEU A 274 5.02 -18.42 -24.83
N GLY A 275 5.93 -17.53 -24.43
CA GLY A 275 7.00 -17.13 -25.33
C GLY A 275 6.68 -15.90 -26.16
N VAL A 276 5.98 -14.94 -25.55
CA VAL A 276 5.61 -13.72 -26.26
C VAL A 276 6.32 -12.52 -25.64
N VAL A 277 6.91 -11.67 -26.49
CA VAL A 277 7.63 -10.49 -26.00
C VAL A 277 7.33 -9.24 -26.83
N GLY A 278 7.07 -8.14 -26.14
CA GLY A 278 6.80 -6.87 -26.79
C GLY A 278 5.59 -6.81 -27.70
N GLU A 279 4.52 -7.52 -27.35
CA GLU A 279 3.31 -7.51 -28.16
C GLU A 279 2.28 -6.52 -27.63
N PHE A 280 2.49 -6.04 -26.41
CA PHE A 280 1.56 -5.09 -25.80
C PHE A 280 2.25 -3.85 -25.25
N SER A 281 1.43 -2.83 -24.97
CA SER A 281 1.91 -1.58 -24.39
C SER A 281 1.13 -1.44 -23.09
N LEU A 282 1.68 -1.99 -22.01
CA LEU A 282 1.03 -1.96 -20.72
C LEU A 282 1.10 -0.62 -19.98
N ILE A 283 -0.06 -0.19 -19.50
CA ILE A 283 -0.19 1.05 -18.74
C ILE A 283 -0.93 0.69 -17.46
N GLY A 284 -0.19 0.55 -16.37
CA GLY A 284 -0.80 0.16 -15.10
C GLY A 284 -1.01 1.28 -14.09
N SER A 285 -1.85 0.99 -13.10
CA SER A 285 -2.17 1.93 -12.04
C SER A 285 -1.11 1.88 -10.94
N ASP A 286 -1.38 2.56 -9.82
CA ASP A 286 -0.44 2.60 -8.70
C ASP A 286 -0.12 1.24 -8.12
N GLY A 287 -0.90 0.22 -8.50
CA GLY A 287 -0.64 -1.11 -7.99
C GLY A 287 0.70 -1.58 -8.49
N TRP A 288 1.12 -1.03 -9.63
CA TRP A 288 2.40 -1.35 -10.25
C TRP A 288 3.44 -0.38 -9.71
N ALA A 289 3.26 0.91 -10.00
CA ALA A 289 4.17 1.95 -9.55
C ALA A 289 5.62 1.63 -9.92
N ASP A 290 6.55 2.09 -9.09
CA ASP A 290 7.97 1.85 -9.31
C ASP A 290 8.45 0.65 -8.52
N ARG A 291 7.51 -0.20 -8.11
CA ARG A 291 7.84 -1.39 -7.33
C ARG A 291 8.76 -2.32 -8.12
N ASP A 292 9.85 -2.75 -7.49
CA ASP A 292 10.79 -3.65 -8.14
C ASP A 292 10.42 -5.11 -7.96
N GLU A 293 9.59 -5.40 -6.96
CA GLU A 293 9.19 -6.77 -6.67
C GLU A 293 8.16 -7.31 -7.66
N VAL A 294 7.54 -6.41 -8.43
CA VAL A 294 6.53 -6.81 -9.40
C VAL A 294 7.17 -7.37 -10.67
N ILE A 295 8.17 -6.67 -11.19
CA ILE A 295 8.84 -7.10 -12.41
C ILE A 295 10.12 -7.90 -12.20
N GLU A 296 10.46 -8.18 -10.94
CA GLU A 296 11.67 -8.95 -10.63
C GLU A 296 11.65 -10.32 -11.29
N GLY A 297 12.61 -10.54 -12.19
CA GLY A 297 12.69 -11.81 -12.87
C GLY A 297 12.11 -11.78 -14.27
N TYR A 298 11.20 -10.83 -14.50
CA TYR A 298 10.57 -10.69 -15.81
C TYR A 298 10.78 -9.31 -16.42
N GLU A 299 12.00 -8.79 -16.31
CA GLU A 299 12.31 -7.47 -16.84
C GLU A 299 12.07 -7.40 -18.35
N VAL A 300 12.42 -8.47 -19.06
CA VAL A 300 12.26 -8.52 -20.51
C VAL A 300 10.82 -8.29 -20.96
N GLU A 301 9.93 -9.19 -20.57
CA GLU A 301 8.52 -9.09 -20.95
C GLU A 301 7.81 -7.92 -20.27
N ALA A 302 8.55 -7.15 -19.49
CA ALA A 302 7.98 -6.01 -18.76
C ALA A 302 8.48 -4.67 -19.28
N ASN A 303 9.57 -4.69 -20.06
CA ASN A 303 10.16 -3.48 -20.60
C ASN A 303 9.20 -2.72 -21.52
N GLY A 304 9.35 -1.40 -21.56
CA GLY A 304 8.50 -0.58 -22.40
C GLY A 304 7.18 -0.23 -21.75
N GLY A 305 7.09 -0.44 -20.45
CA GLY A 305 5.86 -0.16 -19.74
C GLY A 305 5.78 1.24 -19.15
N ILE A 306 4.55 1.74 -19.04
CA ILE A 306 4.29 3.07 -18.49
C ILE A 306 3.38 2.87 -17.29
N THR A 307 3.76 3.42 -16.14
CA THR A 307 2.96 3.25 -14.93
C THR A 307 2.58 4.56 -14.23
N ILE A 308 1.78 4.42 -13.18
CA ILE A 308 1.32 5.56 -12.39
C ILE A 308 1.90 5.39 -10.98
N LYS A 309 2.13 6.51 -10.31
CA LYS A 309 2.69 6.48 -8.95
C LYS A 309 2.35 7.74 -8.16
N LEU A 310 1.80 7.56 -6.97
CA LEU A 310 1.47 8.69 -6.11
C LEU A 310 2.77 9.35 -5.68
N GLN A 311 2.87 10.65 -5.91
CA GLN A 311 4.09 11.38 -5.55
C GLN A 311 4.39 11.26 -4.06
N SER A 312 5.48 10.55 -3.76
CA SER A 312 5.91 10.33 -2.39
C SER A 312 7.42 10.20 -2.36
N PRO A 313 8.12 11.27 -1.94
CA PRO A 313 9.58 11.24 -1.88
C PRO A 313 10.07 10.13 -0.93
N GLU A 314 11.10 9.40 -1.34
CA GLU A 314 11.65 8.32 -0.52
C GLU A 314 12.19 8.92 0.79
N VAL A 315 11.69 8.41 1.91
CA VAL A 315 12.07 8.90 3.22
C VAL A 315 13.54 8.66 3.55
N ARG A 316 14.30 9.74 3.63
CA ARG A 316 15.72 9.67 3.94
C ARG A 316 15.94 9.08 5.33
N SER A 317 15.05 9.44 6.25
CA SER A 317 15.12 9.01 7.64
C SER A 317 15.00 7.51 7.88
N PHE A 318 14.06 6.85 7.21
CA PHE A 318 13.87 5.42 7.40
C PHE A 318 15.09 4.56 7.09
N ASP A 319 15.77 4.87 6.00
CA ASP A 319 16.96 4.11 5.59
C ASP A 319 18.03 4.05 6.68
N ASP A 320 18.11 5.09 7.50
CA ASP A 320 19.10 5.15 8.56
C ASP A 320 18.72 4.24 9.73
N TYR A 321 17.43 4.07 9.95
CA TYR A 321 16.94 3.22 11.04
C TYR A 321 16.91 1.74 10.65
N PHE A 322 16.29 1.46 9.52
CA PHE A 322 16.15 0.09 9.03
C PHE A 322 17.47 -0.64 8.78
N LEU A 323 18.34 -0.03 7.99
CA LEU A 323 19.62 -0.64 7.65
C LEU A 323 20.54 -0.93 8.84
N LYS A 324 20.28 -0.30 9.98
CA LYS A 324 21.10 -0.51 11.16
C LYS A 324 20.56 -1.58 12.10
N LEU A 325 19.41 -2.14 11.76
CA LEU A 325 18.79 -3.18 12.57
C LEU A 325 19.63 -4.46 12.57
N ARG A 326 19.52 -5.24 13.66
CA ARG A 326 20.25 -6.49 13.79
C ARG A 326 19.37 -7.59 14.37
N LEU A 327 19.58 -8.81 13.92
CA LEU A 327 18.81 -9.97 14.37
C LEU A 327 18.91 -10.23 15.88
N ASP A 328 19.96 -9.70 16.51
CA ASP A 328 20.15 -9.90 17.93
C ASP A 328 19.55 -8.82 18.83
N THR A 329 19.48 -7.59 18.32
CA THR A 329 18.94 -6.49 19.11
C THR A 329 17.45 -6.21 18.88
N ASN A 330 16.96 -6.49 17.68
CA ASN A 330 15.56 -6.26 17.36
C ASN A 330 14.72 -7.35 18.04
N THR A 331 13.99 -6.98 19.08
CA THR A 331 13.17 -7.93 19.81
C THR A 331 11.69 -7.56 19.87
N ARG A 332 11.34 -6.32 19.54
CA ARG A 332 9.95 -5.89 19.58
C ARG A 332 9.19 -6.32 18.34
N ASN A 333 9.91 -6.68 17.29
CA ASN A 333 9.29 -7.13 16.04
C ASN A 333 9.39 -8.66 16.01
N PRO A 334 8.29 -9.35 16.33
CA PRO A 334 8.24 -10.81 16.35
C PRO A 334 8.53 -11.53 15.03
N TRP A 335 8.08 -10.95 13.91
CA TRP A 335 8.29 -11.57 12.62
C TRP A 335 9.70 -11.36 12.04
N PHE A 336 10.58 -10.73 12.81
CA PHE A 336 11.93 -10.47 12.33
C PHE A 336 12.74 -11.73 12.05
N PRO A 337 12.77 -12.69 12.99
CA PRO A 337 13.53 -13.92 12.78
C PRO A 337 13.15 -14.61 11.47
N GLU A 338 11.85 -14.74 11.22
CA GLU A 338 11.36 -15.38 10.01
C GLU A 338 11.85 -14.58 8.79
N PHE A 339 11.82 -13.26 8.92
CA PHE A 339 12.26 -12.36 7.85
C PHE A 339 13.74 -12.53 7.52
N TRP A 340 14.58 -12.43 8.54
CA TRP A 340 16.02 -12.54 8.36
C TRP A 340 16.43 -13.79 7.59
N GLN A 341 15.81 -14.92 7.90
CA GLN A 341 16.12 -16.18 7.24
C GLN A 341 15.83 -16.11 5.75
N HIS A 342 14.58 -15.78 5.40
CA HIS A 342 14.17 -15.68 4.01
C HIS A 342 14.89 -14.54 3.30
N ARG A 343 15.33 -13.55 4.08
CA ARG A 343 16.02 -12.39 3.53
C ARG A 343 17.41 -12.74 3.00
N PHE A 344 18.14 -13.59 3.71
CA PHE A 344 19.47 -13.97 3.30
C PHE A 344 19.62 -15.45 2.97
N GLN A 345 18.49 -16.13 2.82
CA GLN A 345 18.47 -17.56 2.50
C GLN A 345 19.35 -18.40 3.42
N CYS A 346 18.99 -18.40 4.71
CA CYS A 346 19.71 -19.15 5.72
C CYS A 346 18.69 -19.60 6.77
N ARG A 347 19.08 -20.50 7.66
CA ARG A 347 18.17 -20.97 8.70
C ARG A 347 18.68 -20.77 10.12
N LEU A 348 17.76 -20.61 11.06
CA LEU A 348 18.11 -20.42 12.46
C LEU A 348 17.97 -21.73 13.24
N PRO A 349 19.11 -22.35 13.58
CA PRO A 349 19.15 -23.62 14.32
C PRO A 349 18.37 -23.62 15.63
N GLY A 350 17.58 -24.66 15.84
CA GLY A 350 16.80 -24.78 17.06
C GLY A 350 15.66 -23.79 17.23
N HIS A 351 15.67 -22.71 16.46
CA HIS A 351 14.62 -21.70 16.55
C HIS A 351 13.28 -22.29 16.15
N LEU A 352 12.21 -21.79 16.77
CA LEU A 352 10.86 -22.26 16.49
C LEU A 352 10.48 -22.01 15.03
N LEU A 353 10.80 -20.82 14.53
CA LEU A 353 10.48 -20.46 13.16
C LEU A 353 11.61 -20.87 12.20
N GLU A 354 12.26 -21.99 12.51
CA GLU A 354 13.34 -22.49 11.68
C GLU A 354 12.85 -22.84 10.27
N ASN A 355 13.42 -22.16 9.28
CA ASN A 355 13.04 -22.37 7.88
C ASN A 355 13.66 -23.63 7.29
N PRO A 356 12.82 -24.61 6.88
CA PRO A 356 13.26 -25.87 6.29
C PRO A 356 13.41 -25.84 4.77
N ASN A 357 13.84 -24.71 4.23
CA ASN A 357 14.01 -24.58 2.79
C ASN A 357 15.45 -24.20 2.48
N PHE A 358 16.17 -23.88 3.53
CA PHE A 358 17.57 -23.52 3.41
C PHE A 358 18.34 -24.47 4.33
N LYS A 359 19.63 -24.64 4.07
CA LYS A 359 20.45 -25.53 4.87
C LYS A 359 21.65 -24.85 5.54
N LYS A 360 22.16 -23.79 4.94
CA LYS A 360 23.31 -23.06 5.51
C LYS A 360 22.86 -22.18 6.68
N VAL A 361 23.64 -22.15 7.77
CA VAL A 361 23.31 -21.37 8.97
C VAL A 361 23.55 -19.87 8.90
N CYS A 362 22.61 -19.08 9.41
CA CYS A 362 22.71 -17.62 9.43
C CYS A 362 23.86 -17.19 10.34
N THR A 363 24.70 -16.30 9.83
CA THR A 363 25.83 -15.79 10.61
C THR A 363 25.36 -14.74 11.61
N GLY A 364 24.39 -13.92 11.20
CA GLY A 364 23.86 -12.89 12.06
C GLY A 364 24.52 -11.54 11.86
N ASN A 365 25.39 -11.45 10.85
CA ASN A 365 26.09 -10.21 10.55
C ASN A 365 25.88 -9.77 9.11
N GLU A 366 24.88 -10.38 8.45
CA GLU A 366 24.59 -10.05 7.07
C GLU A 366 24.05 -8.62 6.97
N SER A 367 24.32 -7.96 5.85
CA SER A 367 23.88 -6.58 5.66
C SER A 367 22.57 -6.48 4.89
N LEU A 368 21.62 -5.73 5.45
CA LEU A 368 20.32 -5.53 4.82
C LEU A 368 20.47 -4.57 3.65
N GLU A 369 21.66 -3.99 3.52
CA GLU A 369 21.93 -3.04 2.45
C GLU A 369 21.92 -3.69 1.06
N GLU A 370 22.20 -4.98 1.00
CA GLU A 370 22.22 -5.67 -0.29
C GLU A 370 20.82 -5.81 -0.88
N ASN A 371 20.68 -5.39 -2.14
CA ASN A 371 19.41 -5.46 -2.85
C ASN A 371 18.30 -4.77 -2.05
N TYR A 372 18.64 -3.66 -1.41
CA TYR A 372 17.67 -2.91 -0.62
C TYR A 372 16.93 -1.86 -1.42
N VAL A 373 15.60 -1.88 -1.31
CA VAL A 373 14.74 -0.92 -2.00
C VAL A 373 13.64 -0.52 -1.03
N GLN A 374 13.52 0.78 -0.77
CA GLN A 374 12.51 1.29 0.15
C GLN A 374 11.08 1.17 -0.39
N ASP A 375 10.14 0.97 0.51
CA ASP A 375 8.73 0.85 0.14
C ASP A 375 8.32 2.13 -0.60
N SER A 376 7.71 1.96 -1.76
CA SER A 376 7.28 3.10 -2.57
C SER A 376 6.33 4.05 -1.83
N LYS A 377 5.47 3.48 -0.98
CA LYS A 377 4.51 4.28 -0.23
C LYS A 377 4.94 4.49 1.22
N MET A 378 6.23 4.37 1.50
CA MET A 378 6.74 4.54 2.85
C MET A 378 6.39 5.90 3.43
N GLY A 379 6.32 6.92 2.57
CA GLY A 379 5.99 8.25 3.02
C GLY A 379 4.58 8.37 3.57
N PHE A 380 3.64 7.71 2.92
CA PHE A 380 2.24 7.74 3.35
C PHE A 380 2.04 6.94 4.63
N VAL A 381 2.83 5.89 4.81
CA VAL A 381 2.74 5.05 6.00
C VAL A 381 3.08 5.88 7.24
N ILE A 382 4.01 6.82 7.07
CA ILE A 382 4.44 7.67 8.17
C ILE A 382 3.44 8.79 8.48
N ASN A 383 3.00 9.52 7.45
CA ASN A 383 2.05 10.61 7.67
C ASN A 383 0.72 10.11 8.20
N ALA A 384 0.41 8.84 7.96
CA ALA A 384 -0.83 8.26 8.45
C ALA A 384 -0.72 8.15 9.96
N ILE A 385 0.51 7.98 10.43
CA ILE A 385 0.79 7.88 11.86
C ILE A 385 0.75 9.27 12.48
N TYR A 386 1.34 10.24 11.79
CA TYR A 386 1.36 11.62 12.27
C TYR A 386 -0.04 12.21 12.28
N ALA A 387 -0.88 11.74 11.35
CA ALA A 387 -2.26 12.22 11.26
C ALA A 387 -3.02 11.75 12.48
N MET A 388 -2.55 10.66 13.09
CA MET A 388 -3.19 10.11 14.28
C MET A 388 -2.64 10.80 15.52
N ALA A 389 -1.41 11.29 15.44
CA ALA A 389 -0.77 11.97 16.54
C ALA A 389 -1.37 13.35 16.74
N HIS A 390 -1.42 14.13 15.66
CA HIS A 390 -1.97 15.48 15.72
C HIS A 390 -3.45 15.44 16.05
N GLY A 391 -4.11 14.33 15.72
CA GLY A 391 -5.52 14.19 16.02
C GLY A 391 -5.71 14.20 17.52
N LEU A 392 -4.86 13.46 18.22
CA LEU A 392 -4.91 13.38 19.67
C LEU A 392 -4.37 14.67 20.28
N GLN A 393 -3.66 15.45 19.48
CA GLN A 393 -3.08 16.71 19.94
C GLN A 393 -4.17 17.78 20.04
N ASN A 394 -4.86 18.03 18.93
CA ASN A 394 -5.91 19.04 18.90
C ASN A 394 -7.02 18.68 19.89
N MET A 395 -7.22 17.39 20.10
CA MET A 395 -8.25 16.92 21.03
C MET A 395 -7.83 17.21 22.47
N HIS A 396 -6.53 17.17 22.73
CA HIS A 396 -6.01 17.43 24.06
C HIS A 396 -6.08 18.91 24.39
N HIS A 397 -5.84 19.75 23.39
CA HIS A 397 -5.89 21.20 23.57
C HIS A 397 -7.32 21.69 23.78
N ALA A 398 -8.29 20.89 23.33
CA ALA A 398 -9.70 21.25 23.45
C ALA A 398 -10.40 20.63 24.65
N LEU A 399 -10.18 19.34 24.89
CA LEU A 399 -10.84 18.65 26.00
C LEU A 399 -10.07 18.73 27.32
N CYS A 400 -8.74 18.82 27.24
CA CYS A 400 -7.91 18.92 28.44
C CYS A 400 -6.99 20.14 28.37
N PRO A 401 -7.57 21.36 28.32
CA PRO A 401 -6.76 22.57 28.25
C PRO A 401 -5.89 22.81 29.49
N GLY A 402 -4.67 23.29 29.26
CA GLY A 402 -3.76 23.57 30.35
C GLY A 402 -3.10 22.35 30.97
N HIS A 403 -3.81 21.22 30.95
CA HIS A 403 -3.29 19.98 31.52
C HIS A 403 -1.98 19.55 30.85
N VAL A 404 -1.26 18.66 31.50
CA VAL A 404 0.01 18.15 30.96
C VAL A 404 -0.24 16.86 30.19
N GLY A 405 -0.88 15.90 30.83
CA GLY A 405 -1.17 14.63 30.19
C GLY A 405 -2.67 14.47 30.00
N LEU A 406 -3.11 13.22 29.87
CA LEU A 406 -4.54 12.95 29.69
C LEU A 406 -5.30 13.32 30.95
N CYS A 407 -6.49 13.88 30.79
CA CYS A 407 -7.30 14.27 31.93
C CYS A 407 -8.59 13.46 31.97
N ASP A 408 -9.52 13.87 32.84
CA ASP A 408 -10.79 13.19 32.99
C ASP A 408 -11.59 13.13 31.68
N ALA A 409 -11.42 14.14 30.84
CA ALA A 409 -12.13 14.20 29.56
C ALA A 409 -11.64 13.16 28.56
N MET A 410 -10.34 12.88 28.58
CA MET A 410 -9.77 11.89 27.67
C MET A 410 -9.51 10.56 28.36
N LYS A 411 -10.46 10.14 29.18
CA LYS A 411 -10.36 8.87 29.89
C LYS A 411 -11.74 8.24 30.04
N PRO A 412 -12.13 7.37 29.09
CA PRO A 412 -11.33 6.99 27.91
C PRO A 412 -11.47 8.00 26.78
N ILE A 413 -10.76 7.75 25.68
CA ILE A 413 -10.81 8.64 24.53
C ILE A 413 -12.04 8.32 23.70
N ASP A 414 -12.88 9.32 23.46
CA ASP A 414 -14.09 9.13 22.68
C ASP A 414 -13.77 9.09 21.20
N GLY A 415 -14.15 8.00 20.54
CA GLY A 415 -13.87 7.85 19.13
C GLY A 415 -14.65 8.77 18.22
N ARG A 416 -15.93 8.99 18.52
CA ARG A 416 -16.77 9.87 17.71
C ARG A 416 -16.22 11.29 17.68
N LYS A 417 -15.67 11.73 18.81
CA LYS A 417 -15.11 13.08 18.91
C LYS A 417 -13.75 13.12 18.23
N LEU A 418 -12.97 12.06 18.39
CA LEU A 418 -11.65 12.00 17.79
C LEU A 418 -11.75 12.08 16.27
N LEU A 419 -12.86 11.60 15.72
CA LEU A 419 -13.09 11.63 14.28
C LEU A 419 -13.16 13.06 13.77
N ASP A 420 -13.85 13.93 14.52
CA ASP A 420 -13.98 15.32 14.13
C ASP A 420 -12.65 16.05 14.16
N PHE A 421 -11.85 15.81 15.19
CA PHE A 421 -10.55 16.44 15.31
C PHE A 421 -9.63 16.03 14.18
N LEU A 422 -9.66 14.76 13.82
CA LEU A 422 -8.83 14.24 12.73
C LEU A 422 -9.12 15.00 11.44
N ILE A 423 -10.39 15.05 11.06
CA ILE A 423 -10.81 15.73 9.84
C ILE A 423 -10.43 17.21 9.86
N LYS A 424 -10.42 17.81 11.05
CA LYS A 424 -10.07 19.22 11.18
C LYS A 424 -8.59 19.45 11.46
N SER A 425 -7.76 18.49 11.07
CA SER A 425 -6.32 18.61 11.28
C SER A 425 -5.57 18.95 10.00
N SER A 426 -4.39 19.54 10.16
CA SER A 426 -3.54 19.91 9.04
C SER A 426 -2.11 20.06 9.56
N PHE A 427 -1.15 19.55 8.82
CA PHE A 427 0.24 19.64 9.25
C PHE A 427 1.23 19.44 8.11
N VAL A 428 2.52 19.55 8.43
CA VAL A 428 3.58 19.37 7.44
C VAL A 428 4.11 17.95 7.55
N GLY A 429 4.01 17.20 6.45
CA GLY A 429 4.46 15.82 6.44
C GLY A 429 5.92 15.61 6.81
N VAL A 430 6.27 14.34 6.97
CA VAL A 430 7.64 13.95 7.33
C VAL A 430 8.66 14.42 6.29
N SER A 431 8.21 14.58 5.05
CA SER A 431 9.10 15.00 3.98
C SER A 431 8.82 16.41 3.46
N GLY A 432 7.90 17.11 4.12
CA GLY A 432 7.57 18.46 3.72
C GLY A 432 6.28 18.67 2.94
N GLU A 433 5.46 17.63 2.81
CA GLU A 433 4.21 17.76 2.07
C GLU A 433 3.09 18.38 2.92
N GLU A 434 2.05 18.86 2.23
CA GLU A 434 0.90 19.47 2.90
C GLU A 434 -0.13 18.36 3.17
N VAL A 435 -0.49 18.17 4.43
CA VAL A 435 -1.46 17.14 4.78
C VAL A 435 -2.69 17.67 5.51
N TRP A 436 -3.84 17.55 4.87
CA TRP A 436 -5.12 17.98 5.43
C TRP A 436 -6.23 17.16 4.78
N PHE A 437 -7.41 17.13 5.41
CA PHE A 437 -8.52 16.37 4.86
C PHE A 437 -9.72 17.23 4.53
N ASP A 438 -10.57 16.74 3.64
CA ASP A 438 -11.79 17.47 3.27
C ASP A 438 -12.94 16.83 4.03
N GLU A 439 -14.18 17.17 3.67
CA GLU A 439 -15.33 16.62 4.37
C GLU A 439 -15.59 15.15 4.06
N LYS A 440 -14.85 14.59 3.12
CA LYS A 440 -15.02 13.19 2.74
C LYS A 440 -13.87 12.31 3.21
N GLY A 441 -12.98 12.88 4.02
CA GLY A 441 -11.85 12.13 4.53
C GLY A 441 -10.75 11.91 3.50
N ASP A 442 -10.87 12.54 2.35
CA ASP A 442 -9.87 12.41 1.29
C ASP A 442 -8.78 13.47 1.44
N ALA A 443 -7.59 13.14 0.97
CA ALA A 443 -6.46 14.07 1.05
C ALA A 443 -5.95 14.44 -0.34
N PRO A 444 -5.36 15.64 -0.47
CA PRO A 444 -4.83 16.10 -1.76
C PRO A 444 -3.59 15.31 -2.17
N GLY A 445 -3.34 15.25 -3.48
CA GLY A 445 -2.18 14.53 -3.98
C GLY A 445 -1.93 14.78 -5.46
N ARG A 446 -0.98 14.05 -6.02
CA ARG A 446 -0.62 14.18 -7.43
C ARG A 446 0.14 12.93 -7.86
N TYR A 447 0.39 12.76 -9.16
CA TYR A 447 1.09 11.57 -9.62
C TYR A 447 2.34 11.81 -10.45
N ASP A 448 3.20 10.80 -10.47
CA ASP A 448 4.43 10.83 -11.25
C ASP A 448 4.31 9.67 -12.24
N ILE A 449 4.54 9.95 -13.52
CA ILE A 449 4.44 8.91 -14.53
C ILE A 449 5.79 8.24 -14.70
N MET A 450 5.80 6.92 -14.70
CA MET A 450 7.04 6.16 -14.85
C MET A 450 7.12 5.38 -16.16
N ASN A 451 8.34 5.19 -16.64
CA ASN A 451 8.58 4.45 -17.87
C ASN A 451 9.71 3.46 -17.64
N LEU A 452 9.38 2.18 -17.65
CA LEU A 452 10.39 1.14 -17.44
C LEU A 452 11.18 0.94 -18.72
N GLN A 453 12.49 1.18 -18.66
CA GLN A 453 13.36 1.03 -19.82
C GLN A 453 14.77 0.57 -19.48
N TYR A 454 15.46 0.06 -20.48
CA TYR A 454 16.82 -0.43 -20.34
C TYR A 454 17.79 0.76 -20.42
N THR A 455 18.39 1.11 -19.28
CA THR A 455 19.32 2.23 -19.22
C THR A 455 20.59 1.97 -20.02
N GLU A 456 21.51 2.94 -19.98
CA GLU A 456 22.78 2.82 -20.71
C GLU A 456 23.56 1.62 -20.21
N ALA A 457 23.41 1.30 -18.93
CA ALA A 457 24.09 0.17 -18.32
C ALA A 457 23.22 -1.08 -18.43
N ASN A 458 23.79 -2.22 -18.08
CA ASN A 458 23.07 -3.48 -18.13
C ASN A 458 22.08 -3.57 -16.97
N ARG A 459 21.04 -2.74 -17.01
CA ARG A 459 20.05 -2.73 -15.95
C ARG A 459 18.73 -2.08 -16.37
N TYR A 460 17.62 -2.66 -15.90
CA TYR A 460 16.29 -2.15 -16.19
C TYR A 460 15.82 -1.39 -14.96
N ASP A 461 15.30 -0.18 -15.16
CA ASP A 461 14.84 0.64 -14.05
C ASP A 461 13.70 1.57 -14.45
N TYR A 462 12.94 2.02 -13.45
CA TYR A 462 11.84 2.95 -13.68
C TYR A 462 12.39 4.37 -13.75
N VAL A 463 12.21 5.01 -14.90
CA VAL A 463 12.71 6.37 -15.08
C VAL A 463 11.59 7.40 -14.89
N HIS A 464 11.92 8.50 -14.22
CA HIS A 464 10.98 9.58 -13.97
C HIS A 464 10.80 10.33 -15.29
N VAL A 465 9.63 10.18 -15.91
CA VAL A 465 9.38 10.82 -17.20
C VAL A 465 8.31 11.92 -17.20
N GLY A 466 7.44 11.93 -16.20
CA GLY A 466 6.41 12.96 -16.17
C GLY A 466 5.62 13.09 -14.88
N THR A 467 4.69 14.03 -14.86
CA THR A 467 3.86 14.29 -13.70
C THR A 467 2.44 14.65 -14.11
N TRP A 468 1.51 14.58 -13.16
CA TRP A 468 0.12 14.92 -13.40
C TRP A 468 -0.41 15.61 -12.15
N HIS A 469 -0.93 16.82 -12.32
CA HIS A 469 -1.46 17.58 -11.18
C HIS A 469 -2.60 18.49 -11.60
N GLU A 470 -3.80 18.20 -11.11
CA GLU A 470 -4.97 19.00 -11.42
C GLU A 470 -5.25 19.16 -12.91
N GLY A 471 -5.57 18.05 -13.56
CA GLY A 471 -5.86 18.08 -14.98
C GLY A 471 -4.70 18.37 -15.91
N VAL A 472 -3.52 18.65 -15.34
CA VAL A 472 -2.35 18.96 -16.15
C VAL A 472 -1.44 17.75 -16.31
N LEU A 473 -1.18 17.36 -17.56
CA LEU A 473 -0.31 16.22 -17.84
C LEU A 473 0.95 16.67 -18.56
N ASN A 474 2.07 16.65 -17.86
CA ASN A 474 3.35 17.04 -18.46
C ASN A 474 4.24 15.81 -18.64
N ILE A 475 4.34 15.35 -19.87
CA ILE A 475 5.17 14.18 -20.17
C ILE A 475 6.35 14.55 -21.05
N ASP A 476 7.53 14.11 -20.64
CA ASP A 476 8.75 14.38 -21.40
C ASP A 476 8.81 13.36 -22.53
N ASP A 477 8.68 13.86 -23.76
CA ASP A 477 8.69 13.02 -24.94
C ASP A 477 10.05 12.47 -25.37
N TYR A 478 11.13 13.19 -25.09
CA TYR A 478 12.45 12.72 -25.48
C TYR A 478 13.06 11.72 -24.50
N LYS A 479 12.40 11.53 -23.36
CA LYS A 479 12.89 10.59 -22.36
C LYS A 479 12.29 9.20 -22.56
N ILE A 480 11.22 9.12 -23.35
CA ILE A 480 10.58 7.84 -23.61
C ILE A 480 11.06 7.27 -24.94
N GLU B . -4.41 1.58 -4.40
CA GLU B . -4.61 0.11 -4.22
C GLU B . -5.87 -0.17 -3.41
O GLU B . -6.32 -1.33 -3.40
CB GLU B . -3.40 -0.50 -3.53
CG GLU B . -2.10 -0.34 -4.29
CD GLU B . -0.92 -0.99 -3.58
OE1 GLU B . -0.62 -0.59 -2.43
OE2 GLU B . -0.30 -1.89 -4.17
OXT GLU B . -6.39 0.79 -2.80
GD GD C . 15.12 2.22 -9.30
GD GD D . -19.07 -3.92 -12.53
#